data_7DW1
#
_entry.id   7DW1
#
_cell.length_a   122.013
_cell.length_b   48.163
_cell.length_c   83.990
_cell.angle_alpha   90.000
_cell.angle_beta   110.831
_cell.angle_gamma   90.000
#
_symmetry.space_group_name_H-M   'C 1 2 1'
#
loop_
_entity.id
_entity.type
_entity.pdbx_description
1 polymer 'Glutathione S-transferase'
2 non-polymer GLUTATHIONE
3 water water
#
_entity_poly.entity_id   1
_entity_poly.type   'polypeptide(L)'
_entity_poly.pdbx_seq_one_letter_code
;HHHHHHMAKSDVKLLGAWPSPFVMRPRIALNIKSVEYEFLEETLGSKSQLLLESNPVHKKIPVLIHGGKPICESLVIVEY
IDEVWSPGPAILPSDPYDRALARFWAAYLDEKWFPTMRNIAAAKDEEARKALIDQVGEGLVLLEDAFSKCSKGKGFFGGD
QIGYLDIAFGSFLGWLRAIEKMNGVKLMDETRTPGLLKWANSFSSHPAVKDVFPETEKLVEFAKVLAKLKATPPK
;
_entity_poly.pdbx_strand_id   A,B
#
loop_
_chem_comp.id
_chem_comp.type
_chem_comp.name
_chem_comp.formula
GSH non-polymer GLUTATHIONE 'C10 H17 N3 O6 S'
#
# COMPACT_ATOMS: atom_id res chain seq x y z
N ASP A 11 12.00 1.15 -31.99
CA ASP A 11 11.02 1.56 -33.01
C ASP A 11 10.09 2.59 -32.40
N VAL A 12 10.06 2.63 -31.08
CA VAL A 12 9.23 3.52 -30.31
C VAL A 12 10.08 4.34 -29.40
N LYS A 13 10.01 5.65 -29.56
CA LYS A 13 10.78 6.52 -28.73
C LYS A 13 9.88 7.38 -27.92
N LEU A 14 10.23 7.56 -26.66
CA LEU A 14 9.47 8.40 -25.78
C LEU A 14 10.32 9.45 -25.14
N LEU A 15 9.91 10.68 -25.31
CA LEU A 15 10.61 11.82 -24.75
C LEU A 15 9.92 12.41 -23.52
N GLY A 16 10.50 12.22 -22.35
CA GLY A 16 9.99 12.77 -21.12
C GLY A 16 11.05 12.81 -20.05
N ALA A 17 10.68 12.83 -18.78
CA ALA A 17 11.65 12.84 -17.68
C ALA A 17 11.12 12.10 -16.46
N TRP A 18 11.95 11.43 -15.69
CA TRP A 18 11.49 10.65 -14.55
C TRP A 18 10.39 11.24 -13.66
N PRO A 19 10.45 12.60 -13.40
CA PRO A 19 9.35 13.10 -12.55
C PRO A 19 8.07 13.72 -13.15
N SER A 20 7.86 13.65 -14.46
CA SER A 20 6.69 14.20 -15.06
C SER A 20 5.53 13.20 -15.01
N PRO A 21 4.40 13.64 -14.35
CA PRO A 21 3.31 12.65 -14.33
C PRO A 21 2.75 12.45 -15.70
N PHE A 22 2.99 13.38 -16.60
CA PHE A 22 2.48 13.25 -17.93
C PHE A 22 3.25 12.21 -18.73
N VAL A 23 4.50 12.09 -18.36
CA VAL A 23 5.41 11.16 -18.97
C VAL A 23 5.13 9.74 -18.50
N MET A 24 4.53 9.63 -17.35
CA MET A 24 4.18 8.35 -16.84
C MET A 24 3.03 7.75 -17.63
N ARG A 25 2.16 8.61 -18.14
CA ARG A 25 1.02 8.21 -18.93
C ARG A 25 1.37 7.40 -20.16
N PRO A 26 2.15 8.01 -21.14
CA PRO A 26 2.46 7.12 -22.27
C PRO A 26 3.32 5.92 -21.84
N ARG A 27 4.04 5.99 -20.73
CA ARG A 27 4.86 4.86 -20.29
C ARG A 27 4.07 3.69 -19.79
N ILE A 28 3.10 3.91 -18.92
CA ILE A 28 2.31 2.83 -18.40
C ILE A 28 1.68 2.16 -19.56
N ALA A 29 1.01 2.94 -20.39
CA ALA A 29 0.33 2.41 -21.53
C ALA A 29 1.21 1.51 -22.40
N LEU A 30 2.49 1.80 -22.47
CA LEU A 30 3.40 1.02 -23.26
C LEU A 30 3.67 -0.25 -22.56
N ASN A 31 3.53 -0.26 -21.25
CA ASN A 31 3.80 -1.45 -20.51
C ASN A 31 2.58 -2.33 -20.51
N ILE A 32 1.47 -1.81 -20.98
CA ILE A 32 0.23 -2.57 -20.99
C ILE A 32 0.15 -3.34 -22.27
N LYS A 33 0.65 -2.77 -23.34
CA LYS A 33 0.63 -3.45 -24.59
C LYS A 33 1.84 -4.31 -24.76
N SER A 34 2.81 -4.12 -23.89
CA SER A 34 4.06 -4.86 -23.91
C SER A 34 4.98 -4.31 -25.01
N VAL A 35 4.73 -3.08 -25.39
CA VAL A 35 5.50 -2.42 -26.39
C VAL A 35 6.73 -1.84 -25.73
N GLU A 36 7.90 -2.23 -26.19
CA GLU A 36 9.13 -1.67 -25.65
C GLU A 36 9.41 -0.34 -26.31
N TYR A 37 10.27 0.45 -25.71
CA TYR A 37 10.59 1.75 -26.22
C TYR A 37 11.88 2.32 -25.68
N GLU A 38 12.35 3.36 -26.33
CA GLU A 38 13.56 4.05 -25.93
C GLU A 38 13.17 5.30 -25.14
N PHE A 39 13.73 5.47 -23.96
CA PHE A 39 13.41 6.63 -23.12
C PHE A 39 14.46 7.70 -23.23
N LEU A 40 14.14 8.77 -23.96
CA LEU A 40 15.03 9.90 -24.16
C LEU A 40 14.85 10.99 -23.13
N GLU A 41 15.56 10.83 -22.04
CA GLU A 41 15.51 11.75 -20.93
C GLU A 41 15.81 13.21 -21.29
N GLU A 42 15.21 14.14 -20.59
CA GLU A 42 15.48 15.52 -20.84
C GLU A 42 16.12 15.94 -19.56
N THR A 43 16.80 17.05 -19.56
CA THR A 43 17.43 17.51 -18.33
C THR A 43 16.87 18.85 -17.94
N LEU A 44 16.68 19.02 -16.64
CA LEU A 44 16.13 20.20 -16.11
C LEU A 44 16.71 21.43 -16.70
N GLY A 45 15.81 22.32 -17.03
CA GLY A 45 16.14 23.62 -17.56
C GLY A 45 16.56 23.76 -18.98
N SER A 46 16.67 22.63 -19.65
CA SER A 46 17.07 22.63 -21.03
C SER A 46 16.11 21.86 -21.92
N LYS A 47 16.37 21.92 -23.19
CA LYS A 47 15.54 21.23 -24.14
C LYS A 47 16.43 20.68 -25.20
N SER A 48 16.25 19.41 -25.44
CA SER A 48 16.94 18.74 -26.46
C SER A 48 16.39 19.22 -27.80
N GLN A 49 17.25 19.19 -28.80
CA GLN A 49 16.93 19.59 -30.12
C GLN A 49 15.88 18.63 -30.62
N LEU A 50 15.98 17.37 -30.19
CA LEU A 50 14.99 16.36 -30.52
C LEU A 50 13.97 16.66 -29.44
N LEU A 51 12.95 17.45 -29.79
CA LEU A 51 11.96 17.90 -28.84
C LEU A 51 11.62 19.24 -29.38
N LEU A 52 12.59 20.14 -29.41
CA LEU A 52 12.37 21.44 -30.01
C LEU A 52 12.00 21.15 -31.46
N GLU A 53 12.56 20.07 -31.98
CA GLU A 53 12.31 19.60 -33.32
C GLU A 53 10.97 18.89 -33.42
N SER A 54 10.81 17.86 -32.61
CA SER A 54 9.63 17.02 -32.63
C SER A 54 8.35 17.60 -32.04
N ASN A 55 8.44 18.55 -31.12
CA ASN A 55 7.25 19.17 -30.59
C ASN A 55 7.54 20.63 -30.63
N PRO A 56 7.32 21.21 -31.88
CA PRO A 56 7.62 22.62 -31.95
C PRO A 56 6.54 23.53 -31.48
N VAL A 57 5.34 23.04 -31.30
CA VAL A 57 4.24 23.92 -30.92
C VAL A 57 4.30 24.25 -29.43
N HIS A 58 4.40 23.22 -28.59
CA HIS A 58 4.46 23.43 -27.15
C HIS A 58 5.85 23.22 -26.55
N LYS A 59 6.72 22.46 -27.21
CA LYS A 59 8.05 22.18 -26.70
C LYS A 59 7.97 21.49 -25.34
N LYS A 60 6.96 20.64 -25.18
CA LYS A 60 6.66 20.00 -23.91
C LYS A 60 6.86 18.50 -24.02
N ILE A 61 7.16 17.87 -22.89
CA ILE A 61 7.20 16.41 -22.80
C ILE A 61 5.94 15.94 -22.10
N PRO A 62 5.52 14.69 -22.31
CA PRO A 62 6.27 13.77 -23.17
C PRO A 62 5.99 13.96 -24.66
N VAL A 63 6.77 13.26 -25.48
CA VAL A 63 6.54 13.18 -26.92
C VAL A 63 6.83 11.74 -27.35
N LEU A 64 5.87 11.13 -28.05
CA LEU A 64 6.06 9.79 -28.59
C LEU A 64 6.52 9.89 -30.04
N ILE A 65 7.54 9.10 -30.38
CA ILE A 65 8.07 9.02 -31.73
C ILE A 65 7.88 7.60 -32.23
N HIS A 66 7.10 7.44 -33.30
CA HIS A 66 6.68 6.13 -33.79
C HIS A 66 6.77 6.14 -35.31
N GLY A 67 7.73 5.39 -35.85
CA GLY A 67 7.98 5.40 -37.28
C GLY A 67 8.64 6.69 -37.72
N GLY A 68 9.54 7.22 -36.96
CA GLY A 68 10.05 8.54 -37.28
C GLY A 68 8.99 9.62 -37.10
N LYS A 69 7.83 9.30 -36.54
CA LYS A 69 6.81 10.34 -36.39
C LYS A 69 6.54 10.74 -34.94
N PRO A 70 6.36 12.03 -34.67
CA PRO A 70 6.08 12.41 -33.27
C PRO A 70 4.62 12.60 -32.89
N ILE A 71 4.27 12.22 -31.67
CA ILE A 71 2.91 12.39 -31.16
C ILE A 71 3.01 13.15 -29.85
N CYS A 72 2.08 14.08 -29.61
CA CYS A 72 2.16 14.96 -28.47
C CYS A 72 0.86 14.95 -27.68
N GLU A 73 0.95 15.48 -26.45
CA GLU A 73 -0.16 15.53 -25.50
C GLU A 73 -0.42 14.15 -24.91
N SER A 74 0.04 13.95 -23.67
CA SER A 74 0.09 12.63 -23.06
C SER A 74 -1.18 11.81 -23.26
N LEU A 75 -2.35 12.41 -22.99
CA LEU A 75 -3.59 11.67 -23.13
C LEU A 75 -3.79 11.20 -24.56
N VAL A 76 -3.55 12.07 -25.54
CA VAL A 76 -3.70 11.68 -26.93
C VAL A 76 -2.74 10.55 -27.28
N ILE A 77 -1.52 10.61 -26.74
CA ILE A 77 -0.57 9.52 -26.96
C ILE A 77 -1.13 8.22 -26.42
N VAL A 78 -1.78 8.26 -25.26
CA VAL A 78 -2.33 7.05 -24.67
C VAL A 78 -3.42 6.46 -25.56
N GLU A 79 -4.33 7.31 -26.05
CA GLU A 79 -5.37 6.82 -26.93
C GLU A 79 -4.79 6.29 -28.23
N TYR A 80 -3.80 7.00 -28.80
CA TYR A 80 -3.10 6.47 -29.96
C TYR A 80 -2.49 5.10 -29.66
N ILE A 81 -1.86 4.97 -28.48
CA ILE A 81 -1.24 3.70 -28.11
C ILE A 81 -2.29 2.60 -27.98
N ASP A 82 -3.43 2.92 -27.38
CA ASP A 82 -4.50 1.96 -27.26
C ASP A 82 -4.93 1.49 -28.63
N GLU A 83 -4.85 2.37 -29.63
CA GLU A 83 -5.29 2.02 -30.98
C GLU A 83 -4.28 1.32 -31.89
N VAL A 84 -3.00 1.68 -31.79
CA VAL A 84 -1.98 1.08 -32.65
C VAL A 84 -1.70 -0.36 -32.22
N TRP A 85 -1.96 -0.63 -30.98
CA TRP A 85 -1.76 -1.94 -30.37
C TRP A 85 -3.07 -2.48 -29.80
N SER A 86 -4.12 -2.39 -30.60
CA SER A 86 -5.46 -2.89 -30.27
C SER A 86 -5.45 -4.36 -29.84
N PRO A 87 -4.54 -5.20 -30.32
CA PRO A 87 -4.60 -6.63 -29.95
C PRO A 87 -4.41 -6.90 -28.46
N GLY A 88 -3.68 -6.06 -27.74
CA GLY A 88 -3.41 -6.31 -26.34
C GLY A 88 -4.50 -5.82 -25.42
N PRO A 89 -4.24 -5.80 -24.12
CA PRO A 89 -5.22 -5.25 -23.18
C PRO A 89 -5.63 -3.84 -23.59
N ALA A 90 -6.94 -3.62 -23.66
CA ALA A 90 -7.48 -2.34 -24.10
C ALA A 90 -7.44 -1.33 -22.96
N ILE A 91 -6.87 -0.15 -23.23
CA ILE A 91 -6.73 0.86 -22.20
C ILE A 91 -8.04 1.60 -21.96
N LEU A 92 -8.63 2.14 -23.00
CA LEU A 92 -9.90 2.83 -22.78
C LEU A 92 -11.03 1.84 -22.55
N PRO A 93 -12.10 2.28 -21.87
CA PRO A 93 -13.32 1.47 -21.77
C PRO A 93 -13.84 1.08 -23.15
N SER A 94 -14.94 0.35 -23.21
CA SER A 94 -15.48 -0.14 -24.47
C SER A 94 -16.86 0.40 -24.80
N ASP A 95 -17.64 0.76 -23.78
CA ASP A 95 -18.97 1.34 -24.00
C ASP A 95 -18.83 2.82 -24.36
N PRO A 96 -19.62 3.26 -25.42
CA PRO A 96 -19.45 4.68 -25.78
C PRO A 96 -19.64 5.64 -24.65
N TYR A 97 -20.49 5.32 -23.71
CA TYR A 97 -20.73 6.20 -22.62
C TYR A 97 -19.67 6.06 -21.59
N ASP A 98 -19.33 4.83 -21.25
CA ASP A 98 -18.32 4.61 -20.25
C ASP A 98 -17.05 5.28 -20.67
N ARG A 99 -16.78 5.21 -21.95
CA ARG A 99 -15.60 5.79 -22.49
C ARG A 99 -15.59 7.28 -22.30
N ALA A 100 -16.72 7.89 -22.49
CA ALA A 100 -16.85 9.34 -22.37
C ALA A 100 -16.68 9.81 -20.92
N LEU A 101 -17.02 8.95 -19.97
CA LEU A 101 -16.88 9.28 -18.55
C LEU A 101 -15.39 9.41 -18.24
N ALA A 102 -14.62 8.40 -18.61
CA ALA A 102 -13.18 8.42 -18.39
C ALA A 102 -12.56 9.69 -18.95
N ARG A 103 -13.01 10.13 -20.12
CA ARG A 103 -12.45 11.33 -20.73
C ARG A 103 -12.85 12.59 -19.97
N PHE A 104 -14.11 12.68 -19.54
CA PHE A 104 -14.54 13.83 -18.75
C PHE A 104 -13.63 14.02 -17.55
N TRP A 105 -13.39 12.95 -16.79
CA TRP A 105 -12.63 13.07 -15.56
C TRP A 105 -11.17 13.35 -15.84
N ALA A 106 -10.58 12.64 -16.81
CA ALA A 106 -9.22 12.98 -17.23
C ALA A 106 -9.13 14.44 -17.62
N ALA A 107 -10.08 14.92 -18.43
CA ALA A 107 -10.11 16.33 -18.81
C ALA A 107 -10.23 17.21 -17.57
N TYR A 108 -11.20 16.92 -16.70
CA TYR A 108 -11.35 17.69 -15.47
C TYR A 108 -10.06 17.69 -14.66
N LEU A 109 -9.51 16.49 -14.43
CA LEU A 109 -8.28 16.38 -13.64
C LEU A 109 -7.18 17.29 -14.20
N ASP A 110 -7.04 17.31 -15.53
CA ASP A 110 -5.92 18.01 -16.13
C ASP A 110 -6.10 19.53 -16.08
N GLU A 111 -7.30 20.02 -16.34
CA GLU A 111 -7.46 21.47 -16.36
C GLU A 111 -7.67 22.06 -14.98
N LYS A 112 -8.42 21.41 -14.07
CA LYS A 112 -8.68 22.03 -12.79
C LYS A 112 -7.99 21.34 -11.63
N TRP A 113 -8.07 20.01 -11.54
CA TRP A 113 -7.62 19.36 -10.32
C TRP A 113 -6.11 19.50 -10.13
N PHE A 114 -5.34 19.14 -11.16
CA PHE A 114 -3.88 19.19 -10.98
C PHE A 114 -3.38 20.62 -10.87
N PRO A 115 -3.69 21.53 -11.79
CA PRO A 115 -3.29 22.93 -11.60
C PRO A 115 -3.55 23.42 -10.19
N THR A 116 -4.77 23.18 -9.69
CA THR A 116 -5.10 23.56 -8.32
C THR A 116 -4.09 22.99 -7.33
N MET A 117 -3.74 21.71 -7.46
CA MET A 117 -2.89 21.08 -6.46
C MET A 117 -1.43 21.51 -6.56
N ARG A 118 -0.99 21.85 -7.73
CA ARG A 118 0.35 22.29 -7.92
C ARG A 118 0.43 23.76 -7.49
N ASN A 119 -0.57 24.53 -7.82
CA ASN A 119 -0.61 25.91 -7.49
C ASN A 119 -0.50 26.12 -6.05
N ILE A 120 -0.58 25.08 -5.25
CA ILE A 120 -0.49 25.24 -3.81
C ILE A 120 0.78 25.85 -3.39
N ALA A 121 1.86 25.24 -3.77
CA ALA A 121 3.17 25.67 -3.38
C ALA A 121 3.33 27.14 -3.56
N ALA A 122 2.77 27.64 -4.62
CA ALA A 122 2.86 29.02 -4.90
C ALA A 122 2.06 29.83 -3.96
N ALA A 123 1.12 29.24 -3.25
CA ALA A 123 0.29 30.02 -2.34
C ALA A 123 1.14 30.75 -1.35
N LYS A 124 0.56 31.56 -0.52
CA LYS A 124 1.31 32.30 0.50
C LYS A 124 0.57 32.32 1.85
N ASP A 125 -0.45 33.16 2.02
CA ASP A 125 -1.17 33.19 3.29
C ASP A 125 -1.68 31.81 3.52
N GLU A 126 -1.64 31.33 4.76
CA GLU A 126 -2.05 29.98 5.07
C GLU A 126 -3.47 29.73 4.67
N GLU A 127 -4.14 30.80 4.21
CA GLU A 127 -5.53 30.76 3.74
C GLU A 127 -5.61 30.13 2.40
N ALA A 128 -5.25 30.87 1.34
CA ALA A 128 -5.28 30.44 -0.04
C ALA A 128 -4.83 29.03 -0.11
N ARG A 129 -3.82 28.78 0.67
CA ARG A 129 -3.27 27.49 0.84
C ARG A 129 -4.42 26.54 1.19
N LYS A 130 -5.20 26.89 2.20
CA LYS A 130 -6.30 26.06 2.59
C LYS A 130 -7.34 25.93 1.52
N ALA A 131 -7.66 27.06 0.90
CA ALA A 131 -8.64 27.14 -0.16
C ALA A 131 -8.31 26.17 -1.26
N LEU A 132 -7.07 26.16 -1.67
CA LEU A 132 -6.63 25.28 -2.69
C LEU A 132 -6.80 23.91 -2.16
N ILE A 133 -6.19 23.62 -1.02
CA ILE A 133 -6.28 22.33 -0.41
C ILE A 133 -7.72 21.91 -0.25
N ASP A 134 -8.59 22.90 -0.09
CA ASP A 134 -9.97 22.57 0.10
C ASP A 134 -10.52 21.97 -1.14
N GLN A 135 -10.18 22.54 -2.28
CA GLN A 135 -10.68 22.09 -3.55
C GLN A 135 -10.11 20.78 -3.92
N VAL A 136 -8.86 20.59 -3.57
CA VAL A 136 -8.18 19.37 -3.82
C VAL A 136 -8.89 18.26 -3.09
N GLY A 137 -9.63 18.63 -2.05
CA GLY A 137 -10.39 17.68 -1.29
C GLY A 137 -11.69 17.40 -1.99
N GLU A 138 -12.38 18.47 -2.39
CA GLU A 138 -13.63 18.38 -3.10
C GLU A 138 -13.38 17.67 -4.39
N GLY A 139 -12.25 17.96 -5.00
CA GLY A 139 -11.92 17.21 -6.21
C GLY A 139 -11.80 15.72 -5.96
N LEU A 140 -11.25 15.34 -4.80
CA LEU A 140 -11.07 13.92 -4.52
C LEU A 140 -12.38 13.24 -4.17
N VAL A 141 -13.24 13.91 -3.39
CA VAL A 141 -14.51 13.29 -3.00
C VAL A 141 -15.30 12.87 -4.23
N LEU A 142 -15.30 13.71 -5.27
CA LEU A 142 -15.96 13.35 -6.51
C LEU A 142 -15.31 12.10 -7.12
N LEU A 143 -14.02 12.20 -7.45
CA LEU A 143 -13.34 11.07 -8.07
C LEU A 143 -13.46 9.81 -7.23
N GLU A 144 -13.57 9.95 -5.91
CA GLU A 144 -13.99 8.82 -5.10
C GLU A 144 -15.38 8.36 -5.49
N ASP A 145 -16.27 9.30 -5.80
CA ASP A 145 -17.61 8.94 -6.28
C ASP A 145 -17.53 8.31 -7.67
N ALA A 146 -16.79 8.94 -8.58
CA ALA A 146 -16.63 8.37 -9.92
C ALA A 146 -16.03 6.97 -9.85
N PHE A 147 -15.05 6.78 -8.97
CA PHE A 147 -14.53 5.44 -8.74
C PHE A 147 -15.64 4.44 -8.41
N SER A 148 -16.69 4.88 -7.70
CA SER A 148 -17.69 3.95 -7.18
C SER A 148 -18.57 3.34 -8.26
N LYS A 149 -18.83 4.12 -9.26
CA LYS A 149 -19.58 3.65 -10.36
C LYS A 149 -18.60 3.03 -11.35
N CYS A 150 -17.57 3.76 -11.71
CA CYS A 150 -16.63 3.28 -12.67
C CYS A 150 -16.15 1.88 -12.36
N SER A 151 -15.74 1.57 -11.15
CA SER A 151 -15.21 0.25 -10.86
C SER A 151 -16.09 -0.96 -10.52
N LYS A 152 -17.37 -0.75 -10.25
CA LYS A 152 -18.28 -1.80 -9.89
C LYS A 152 -17.67 -2.78 -8.91
N GLY A 153 -17.28 -2.30 -7.76
CA GLY A 153 -16.71 -3.15 -6.76
C GLY A 153 -15.44 -3.85 -7.14
N LYS A 154 -14.84 -3.40 -8.22
CA LYS A 154 -13.60 -3.97 -8.68
C LYS A 154 -12.57 -2.95 -8.32
N GLY A 155 -11.30 -3.32 -8.40
CA GLY A 155 -10.24 -2.42 -8.00
C GLY A 155 -9.64 -1.36 -8.88
N PHE A 156 -10.28 -0.97 -9.96
CA PHE A 156 -9.76 0.05 -10.84
C PHE A 156 -10.87 0.79 -11.58
N PHE A 157 -10.57 1.96 -12.09
CA PHE A 157 -11.55 2.72 -12.83
C PHE A 157 -11.88 1.91 -14.03
N GLY A 158 -10.89 1.25 -14.57
CA GLY A 158 -11.07 0.45 -15.73
C GLY A 158 -11.83 -0.80 -15.45
N GLY A 159 -11.84 -1.20 -14.19
CA GLY A 159 -12.51 -2.40 -13.75
C GLY A 159 -11.55 -3.40 -13.19
N ASP A 160 -11.69 -4.64 -13.60
CA ASP A 160 -10.86 -5.72 -13.12
C ASP A 160 -9.40 -5.38 -13.31
N GLN A 161 -9.13 -4.63 -14.37
CA GLN A 161 -7.78 -4.27 -14.76
C GLN A 161 -7.53 -2.79 -15.00
N ILE A 162 -6.27 -2.43 -15.17
CA ILE A 162 -5.85 -1.04 -15.30
C ILE A 162 -6.44 -0.46 -16.58
N GLY A 163 -6.98 0.75 -16.47
CA GLY A 163 -7.64 1.39 -17.60
C GLY A 163 -7.14 2.79 -17.92
N TYR A 164 -7.85 3.47 -18.81
CA TYR A 164 -7.47 4.82 -19.22
C TYR A 164 -7.54 5.80 -18.06
N LEU A 165 -8.61 5.74 -17.27
CA LEU A 165 -8.76 6.66 -16.16
C LEU A 165 -7.80 6.35 -15.02
N ASP A 166 -7.42 5.08 -14.86
CA ASP A 166 -6.41 4.74 -13.88
C ASP A 166 -5.07 5.37 -14.24
N ILE A 167 -4.74 5.41 -15.53
CA ILE A 167 -3.51 6.05 -15.97
C ILE A 167 -3.55 7.53 -15.66
N ALA A 168 -4.51 8.25 -16.26
CA ALA A 168 -4.59 9.69 -16.10
C ALA A 168 -4.48 10.11 -14.64
N PHE A 169 -5.37 9.57 -13.80
CA PHE A 169 -5.43 9.98 -12.40
C PHE A 169 -4.29 9.37 -11.59
N GLY A 170 -3.98 8.09 -11.81
CA GLY A 170 -2.89 7.46 -11.09
C GLY A 170 -1.55 8.12 -11.34
N SER A 171 -1.34 8.62 -12.56
CA SER A 171 -0.07 9.26 -12.90
C SER A 171 0.29 10.41 -11.97
N PHE A 172 -0.62 10.83 -11.10
CA PHE A 172 -0.38 11.95 -10.19
C PHE A 172 -0.06 11.52 -8.77
N LEU A 173 -0.05 10.22 -8.48
CA LEU A 173 0.03 9.77 -7.10
C LEU A 173 1.36 10.16 -6.46
N GLY A 174 2.47 9.90 -7.16
CA GLY A 174 3.77 10.29 -6.63
C GLY A 174 3.80 11.75 -6.19
N TRP A 175 3.21 12.63 -6.99
CA TRP A 175 3.22 14.05 -6.67
C TRP A 175 2.27 14.36 -5.50
N LEU A 176 1.03 13.91 -5.60
CA LEU A 176 0.09 14.10 -4.50
C LEU A 176 0.66 13.54 -3.20
N ARG A 177 1.20 12.32 -3.24
CA ARG A 177 1.92 11.79 -2.10
C ARG A 177 3.03 12.73 -1.65
N ALA A 178 3.64 13.44 -2.59
CA ALA A 178 4.77 14.31 -2.27
C ALA A 178 4.32 15.65 -1.72
N ILE A 179 3.27 16.24 -2.31
CA ILE A 179 2.78 17.52 -1.81
C ILE A 179 2.16 17.35 -0.43
N GLU A 180 1.53 16.20 -0.18
CA GLU A 180 1.08 15.87 1.16
C GLU A 180 2.21 16.10 2.16
N LYS A 181 3.31 15.35 1.97
CA LYS A 181 4.41 15.39 2.92
C LYS A 181 4.89 16.80 3.15
N MET A 182 5.16 17.51 2.07
CA MET A 182 5.71 18.83 2.15
C MET A 182 4.78 19.90 2.66
N ASN A 183 3.61 19.51 3.08
CA ASN A 183 2.61 20.45 3.58
C ASN A 183 1.90 19.89 4.81
N GLY A 184 2.40 18.79 5.38
CA GLY A 184 1.82 18.21 6.57
C GLY A 184 0.33 18.00 6.45
N VAL A 185 -0.11 17.41 5.35
CA VAL A 185 -1.53 17.18 5.09
C VAL A 185 -1.69 15.84 4.38
N LYS A 186 -2.78 15.16 4.70
CA LYS A 186 -3.19 13.93 4.01
C LYS A 186 -4.51 14.21 3.32
N LEU A 187 -4.52 14.07 1.99
CA LEU A 187 -5.68 14.43 1.18
C LEU A 187 -6.56 13.23 0.85
N MET A 188 -6.16 12.07 1.27
CA MET A 188 -6.96 10.90 1.09
C MET A 188 -7.04 10.35 2.49
N ASP A 189 -8.18 9.79 2.86
CA ASP A 189 -8.38 9.23 4.18
C ASP A 189 -9.43 8.15 4.23
N GLU A 190 -9.37 7.32 5.28
CA GLU A 190 -10.31 6.21 5.49
C GLU A 190 -11.81 6.56 5.40
N THR A 191 -12.16 7.78 5.74
CA THR A 191 -13.55 8.18 5.79
C THR A 191 -14.08 8.63 4.52
N ARG A 192 -13.49 9.69 4.00
CA ARG A 192 -13.94 10.30 2.77
C ARG A 192 -13.51 9.68 1.46
N THR A 193 -12.40 8.99 1.40
CA THR A 193 -12.06 8.37 0.15
C THR A 193 -11.46 7.04 0.44
N PRO A 194 -12.27 6.12 0.96
CA PRO A 194 -11.70 4.83 1.31
C PRO A 194 -11.44 3.94 0.12
N GLY A 195 -12.07 4.20 -1.00
CA GLY A 195 -11.84 3.41 -2.18
C GLY A 195 -10.55 3.75 -2.85
N LEU A 196 -10.29 5.03 -3.01
CA LEU A 196 -9.10 5.49 -3.65
C LEU A 196 -7.87 5.17 -2.83
N LEU A 197 -7.99 5.21 -1.53
CA LEU A 197 -6.88 4.92 -0.67
C LEU A 197 -6.39 3.50 -0.93
N LYS A 198 -7.36 2.66 -1.15
CA LYS A 198 -7.15 1.31 -1.48
C LYS A 198 -6.69 1.21 -2.93
N TRP A 199 -7.31 1.99 -3.79
CA TRP A 199 -6.97 1.98 -5.21
C TRP A 199 -5.59 2.56 -5.46
N ALA A 200 -5.23 3.62 -4.73
CA ALA A 200 -3.94 4.27 -4.94
C ALA A 200 -2.77 3.35 -4.59
N ASN A 201 -3.02 2.28 -3.84
CA ASN A 201 -2.01 1.29 -3.51
C ASN A 201 -2.10 0.03 -4.35
N SER A 202 -3.21 -0.17 -5.05
CA SER A 202 -3.33 -1.22 -6.06
C SER A 202 -2.95 -0.71 -7.44
N PHE A 203 -2.58 0.56 -7.56
CA PHE A 203 -2.10 1.15 -8.80
C PHE A 203 -0.59 1.32 -8.78
N SER A 204 -0.06 2.01 -7.76
CA SER A 204 1.37 2.24 -7.62
C SER A 204 2.12 0.94 -7.34
N SER A 205 1.38 -0.17 -7.26
CA SER A 205 1.97 -1.49 -7.16
C SER A 205 1.76 -2.34 -8.39
N HIS A 206 0.96 -1.86 -9.35
CA HIS A 206 0.63 -2.63 -10.53
C HIS A 206 1.89 -2.87 -11.38
N PRO A 207 1.96 -4.02 -12.07
CA PRO A 207 3.18 -4.31 -12.84
C PRO A 207 3.54 -3.28 -13.89
N ALA A 208 2.55 -2.72 -14.58
CA ALA A 208 2.81 -1.73 -15.61
C ALA A 208 3.12 -0.35 -15.03
N VAL A 209 3.28 -0.24 -13.71
CA VAL A 209 3.43 1.05 -13.04
C VAL A 209 4.61 1.01 -12.09
N LYS A 210 4.84 -0.16 -11.48
CA LYS A 210 5.73 -0.24 -10.33
C LYS A 210 7.18 0.12 -10.68
N ASP A 211 7.61 -0.05 -11.94
CA ASP A 211 8.96 0.39 -12.33
C ASP A 211 8.98 1.73 -13.06
N VAL A 212 7.84 2.41 -13.18
CA VAL A 212 7.78 3.75 -13.75
C VAL A 212 7.19 4.74 -12.77
N PHE A 213 6.98 4.34 -11.51
CA PHE A 213 6.39 5.21 -10.51
C PHE A 213 7.50 5.86 -9.68
N PRO A 214 7.56 7.18 -9.63
CA PRO A 214 8.66 7.84 -8.91
C PRO A 214 8.53 7.67 -7.40
N GLU A 215 9.63 7.84 -6.70
CA GLU A 215 9.60 7.73 -5.28
C GLU A 215 9.23 9.09 -4.68
N THR A 216 8.27 9.05 -3.77
CA THR A 216 7.78 10.22 -3.09
C THR A 216 8.89 11.10 -2.63
N GLU A 217 9.91 10.52 -2.03
CA GLU A 217 11.08 11.26 -1.55
C GLU A 217 11.83 11.94 -2.67
N LYS A 218 12.13 11.19 -3.70
CA LYS A 218 12.82 11.70 -4.85
C LYS A 218 12.00 12.82 -5.39
N LEU A 219 10.69 12.68 -5.34
CA LEU A 219 9.83 13.72 -5.83
C LEU A 219 9.89 14.91 -4.94
N VAL A 220 10.37 14.69 -3.72
CA VAL A 220 10.45 15.77 -2.77
C VAL A 220 11.74 16.53 -2.88
N GLU A 221 12.76 15.89 -3.41
CA GLU A 221 14.01 16.58 -3.56
C GLU A 221 13.81 17.43 -4.77
N PHE A 222 13.25 16.85 -5.80
CA PHE A 222 12.93 17.57 -7.01
C PHE A 222 12.04 18.82 -6.80
N ALA A 223 11.10 18.76 -5.87
CA ALA A 223 10.26 19.92 -5.62
C ALA A 223 11.08 20.98 -4.95
N LYS A 224 11.83 20.55 -3.94
CA LYS A 224 12.73 21.40 -3.20
C LYS A 224 13.75 21.96 -4.17
N VAL A 225 13.89 21.34 -5.33
CA VAL A 225 14.82 21.84 -6.31
C VAL A 225 14.08 22.78 -7.23
N LEU A 226 12.88 22.41 -7.69
CA LEU A 226 12.15 23.33 -8.55
C LEU A 226 11.90 24.61 -7.80
N ALA A 227 12.25 24.63 -6.49
CA ALA A 227 12.09 25.83 -5.67
C ALA A 227 12.56 27.04 -6.46
N LYS A 228 13.87 27.21 -6.57
CA LYS A 228 14.45 28.33 -7.30
C LYS A 228 14.61 28.08 -8.79
N ASP B 11 17.50 4.67 6.78
CA ASP B 11 18.42 4.18 7.80
C ASP B 11 17.94 2.87 8.40
N VAL B 12 16.68 2.52 8.15
CA VAL B 12 16.09 1.28 8.63
C VAL B 12 15.46 0.56 7.45
N LYS B 13 15.88 -0.68 7.23
CA LYS B 13 15.32 -1.54 6.20
C LYS B 13 14.55 -2.68 6.84
N LEU B 14 13.50 -3.15 6.15
CA LEU B 14 12.70 -4.26 6.63
C LEU B 14 12.53 -5.27 5.50
N LEU B 15 13.06 -6.47 5.70
CA LEU B 15 12.87 -7.57 4.77
C LEU B 15 11.64 -8.35 5.20
N GLY B 16 10.56 -8.23 4.45
CA GLY B 16 9.32 -8.90 4.75
C GLY B 16 8.48 -9.11 3.52
N ALA B 17 7.17 -9.12 3.70
CA ALA B 17 6.22 -9.31 2.61
C ALA B 17 4.81 -9.12 3.14
N TRP B 18 3.93 -8.53 2.33
CA TRP B 18 2.68 -8.01 2.87
C TRP B 18 1.76 -9.03 3.53
N PRO B 19 1.75 -10.33 3.13
CA PRO B 19 0.83 -11.26 3.78
C PRO B 19 1.40 -12.02 4.98
N SER B 20 2.65 -11.79 5.37
CA SER B 20 3.19 -12.43 6.56
C SER B 20 2.72 -11.71 7.81
N PRO B 21 1.99 -12.37 8.72
CA PRO B 21 1.64 -11.70 9.98
C PRO B 21 2.84 -11.42 10.84
N PHE B 22 3.87 -12.26 10.77
CA PHE B 22 5.10 -12.02 11.51
C PHE B 22 5.78 -10.73 11.05
N VAL B 23 5.68 -10.41 9.77
CA VAL B 23 6.30 -9.18 9.25
C VAL B 23 5.49 -7.94 9.60
N MET B 24 4.19 -8.08 9.87
CA MET B 24 3.40 -6.96 10.34
C MET B 24 3.88 -6.44 11.67
N ARG B 25 4.67 -7.22 12.40
CA ARG B 25 5.02 -6.93 13.79
C ARG B 25 6.09 -5.83 13.87
N PRO B 26 7.24 -5.99 13.21
CA PRO B 26 8.21 -4.89 13.18
C PRO B 26 7.68 -3.65 12.48
N ARG B 27 6.72 -3.81 11.55
CA ARG B 27 6.16 -2.66 10.85
C ARG B 27 5.31 -1.81 11.79
N ILE B 28 4.40 -2.46 12.53
CA ILE B 28 3.60 -1.73 13.50
C ILE B 28 4.51 -1.00 14.49
N ALA B 29 5.43 -1.73 15.11
CA ALA B 29 6.31 -1.13 16.11
C ALA B 29 7.07 0.06 15.55
N LEU B 30 7.61 -0.07 14.33
CA LEU B 30 8.22 1.09 13.67
C LEU B 30 7.23 2.23 13.56
N ASN B 31 5.96 1.92 13.33
CA ASN B 31 4.95 2.97 13.20
C ASN B 31 4.64 3.64 14.54
N ILE B 32 4.67 2.88 15.64
CA ILE B 32 4.43 3.51 16.94
C ILE B 32 5.58 4.44 17.34
N LYS B 33 6.78 4.23 16.80
CA LYS B 33 7.93 5.06 17.14
C LYS B 33 8.22 6.13 16.10
N SER B 34 7.36 6.29 15.09
CA SER B 34 7.55 7.27 14.03
C SER B 34 8.92 7.07 13.36
N VAL B 35 9.17 5.83 12.97
CA VAL B 35 10.45 5.43 12.36
C VAL B 35 10.14 4.93 10.96
N GLU B 36 10.43 5.77 9.96
CA GLU B 36 10.26 5.34 8.58
C GLU B 36 11.31 4.30 8.22
N TYR B 37 11.03 3.52 7.18
CA TYR B 37 11.83 2.36 6.86
C TYR B 37 11.63 2.01 5.39
N GLU B 38 12.62 1.30 4.84
CA GLU B 38 12.54 0.81 3.47
C GLU B 38 12.04 -0.63 3.51
N PHE B 39 10.79 -0.83 3.08
CA PHE B 39 10.20 -2.16 3.05
C PHE B 39 10.66 -2.88 1.78
N LEU B 40 11.56 -3.85 1.94
CA LEU B 40 12.10 -4.63 0.84
C LEU B 40 11.25 -5.89 0.69
N GLU B 41 10.29 -5.86 -0.23
CA GLU B 41 9.30 -6.92 -0.33
C GLU B 41 9.89 -8.12 -1.05
N GLU B 42 10.02 -9.23 -0.32
CA GLU B 42 10.36 -10.52 -0.92
C GLU B 42 9.29 -10.88 -1.95
N THR B 43 9.44 -12.02 -2.63
CA THR B 43 8.46 -12.42 -3.64
C THR B 43 8.34 -13.93 -3.68
N LEU B 44 7.10 -14.41 -3.68
CA LEU B 44 6.74 -15.81 -3.60
C LEU B 44 7.70 -16.77 -4.31
N GLY B 45 8.14 -17.80 -3.59
CA GLY B 45 8.88 -18.89 -4.17
C GLY B 45 10.35 -18.65 -4.42
N SER B 46 10.87 -17.47 -4.07
CA SER B 46 12.28 -17.19 -4.22
C SER B 46 12.75 -16.33 -3.05
N LYS B 47 13.92 -16.67 -2.52
CA LYS B 47 14.53 -15.91 -1.43
C LYS B 47 15.56 -14.97 -2.03
N SER B 48 15.41 -13.68 -1.82
CA SER B 48 16.40 -12.79 -2.36
C SER B 48 17.78 -13.06 -1.78
N GLN B 49 18.79 -12.54 -2.45
CA GLN B 49 20.15 -12.70 -2.05
C GLN B 49 20.39 -11.98 -0.75
N LEU B 50 19.75 -10.84 -0.58
CA LEU B 50 19.91 -10.07 0.63
C LEU B 50 19.33 -10.77 1.85
N LEU B 51 18.32 -11.60 1.68
CA LEU B 51 17.73 -12.27 2.81
C LEU B 51 18.64 -13.43 3.19
N LEU B 52 19.08 -14.12 2.16
CA LEU B 52 20.05 -15.21 2.23
C LEU B 52 21.34 -14.75 2.88
N GLU B 53 21.80 -13.55 2.51
CA GLU B 53 23.00 -12.97 3.10
C GLU B 53 22.73 -12.44 4.51
N SER B 54 21.51 -11.94 4.75
CA SER B 54 21.18 -11.26 5.99
C SER B 54 20.70 -12.22 7.08
N ASN B 55 20.15 -13.36 6.71
CA ASN B 55 19.62 -14.33 7.66
C ASN B 55 20.06 -15.72 7.20
N PRO B 56 21.34 -16.06 7.39
CA PRO B 56 21.80 -17.39 6.96
C PRO B 56 21.26 -18.51 7.83
N VAL B 57 21.06 -18.24 9.12
CA VAL B 57 20.57 -19.26 10.04
C VAL B 57 19.22 -19.80 9.56
N HIS B 58 18.24 -18.92 9.40
CA HIS B 58 16.86 -19.32 9.17
C HIS B 58 16.37 -19.11 7.75
N LYS B 59 16.74 -18.00 7.10
CA LYS B 59 16.25 -17.69 5.76
C LYS B 59 14.77 -17.33 5.82
N LYS B 60 14.42 -16.46 6.76
CA LYS B 60 13.02 -16.15 7.04
C LYS B 60 12.85 -14.66 7.26
N ILE B 61 11.71 -14.15 6.81
CA ILE B 61 11.29 -12.77 7.06
C ILE B 61 10.33 -12.77 8.24
N PRO B 62 10.19 -11.66 8.96
CA PRO B 62 10.85 -10.39 8.65
C PRO B 62 12.33 -10.38 9.01
N VAL B 63 13.08 -9.45 8.42
CA VAL B 63 14.48 -9.24 8.74
C VAL B 63 14.70 -7.74 8.81
N LEU B 64 14.89 -7.21 10.02
CA LEU B 64 15.17 -5.80 10.21
C LEU B 64 16.68 -5.56 10.09
N ILE B 65 17.05 -4.57 9.29
CA ILE B 65 18.45 -4.20 9.09
C ILE B 65 18.62 -2.75 9.51
N HIS B 66 19.45 -2.53 10.53
CA HIS B 66 19.59 -1.24 11.19
C HIS B 66 21.06 -0.87 11.22
N GLY B 67 21.41 0.26 10.59
CA GLY B 67 22.80 0.67 10.49
C GLY B 67 23.71 -0.38 9.89
N GLY B 68 23.18 -1.18 8.97
CA GLY B 68 23.92 -2.30 8.42
C GLY B 68 23.81 -3.59 9.20
N LYS B 69 23.32 -3.53 10.44
CA LYS B 69 23.18 -4.72 11.26
C LYS B 69 21.80 -5.33 11.05
N PRO B 70 21.68 -6.61 10.70
CA PRO B 70 20.37 -7.24 10.59
C PRO B 70 19.94 -7.86 11.91
N ILE B 71 18.61 -7.93 12.09
CA ILE B 71 18.02 -8.52 13.27
C ILE B 71 16.88 -9.43 12.83
N CYS B 72 16.73 -10.56 13.51
CA CYS B 72 15.82 -11.60 13.08
C CYS B 72 14.93 -12.07 14.22
N GLU B 73 13.84 -12.75 13.85
CA GLU B 73 12.79 -13.18 14.77
C GLU B 73 11.86 -12.02 15.10
N SER B 74 10.60 -12.15 14.67
CA SER B 74 9.67 -11.02 14.66
C SER B 74 9.60 -10.33 16.02
N LEU B 75 9.46 -11.11 17.10
CA LEU B 75 9.25 -10.50 18.41
C LEU B 75 10.53 -9.93 19.01
N VAL B 76 11.67 -10.56 18.74
CA VAL B 76 12.94 -9.97 19.19
C VAL B 76 13.19 -8.66 18.46
N ILE B 77 12.73 -8.54 17.22
CA ILE B 77 12.78 -7.26 16.53
C ILE B 77 11.88 -6.25 17.23
N VAL B 78 10.72 -6.71 17.71
CA VAL B 78 9.78 -5.81 18.37
C VAL B 78 10.39 -5.24 19.65
N GLU B 79 11.10 -6.07 20.41
CA GLU B 79 11.71 -5.60 21.65
C GLU B 79 12.93 -4.74 21.39
N TYR B 80 13.70 -5.06 20.35
CA TYR B 80 14.78 -4.18 19.92
C TYR B 80 14.25 -2.77 19.69
N ILE B 81 13.26 -2.64 18.80
CA ILE B 81 12.72 -1.33 18.47
C ILE B 81 12.22 -0.61 19.71
N ASP B 82 11.60 -1.36 20.63
CA ASP B 82 11.17 -0.74 21.89
C ASP B 82 12.37 -0.20 22.66
N GLU B 83 13.48 -0.95 22.65
CA GLU B 83 14.67 -0.52 23.36
C GLU B 83 15.44 0.55 22.60
N VAL B 84 15.42 0.49 21.26
CA VAL B 84 16.20 1.43 20.46
C VAL B 84 15.53 2.79 20.32
N TRP B 85 14.20 2.86 20.48
CA TRP B 85 13.46 4.11 20.39
C TRP B 85 12.67 4.38 21.66
N SER B 86 13.29 4.10 22.81
CA SER B 86 12.65 4.31 24.11
C SER B 86 12.07 5.72 24.22
N PRO B 87 12.67 6.73 23.58
CA PRO B 87 12.06 8.07 23.60
C PRO B 87 10.56 8.08 23.35
N GLY B 88 10.11 7.51 22.23
CA GLY B 88 8.71 7.54 21.87
C GLY B 88 7.88 6.57 22.68
N PRO B 89 6.59 6.50 22.35
CA PRO B 89 5.68 5.58 23.05
C PRO B 89 6.30 4.21 23.27
N ALA B 90 5.89 3.53 24.34
CA ALA B 90 6.49 2.26 24.73
C ALA B 90 5.66 1.09 24.22
N ILE B 91 6.34 0.08 23.69
CA ILE B 91 5.65 -1.09 23.16
C ILE B 91 5.27 -2.06 24.28
N LEU B 92 6.27 -2.59 24.97
CA LEU B 92 5.96 -3.53 26.05
C LEU B 92 5.41 -2.81 27.27
N PRO B 93 4.67 -3.53 28.11
CA PRO B 93 4.27 -2.98 29.41
C PRO B 93 5.47 -2.56 30.23
N SER B 94 5.25 -1.97 31.40
CA SER B 94 6.35 -1.52 32.25
C SER B 94 6.59 -2.42 33.45
N ASP B 95 5.53 -2.90 34.08
CA ASP B 95 5.70 -3.78 35.23
C ASP B 95 6.42 -5.06 34.80
N PRO B 96 7.36 -5.55 35.60
CA PRO B 96 8.00 -6.84 35.27
C PRO B 96 6.99 -7.96 35.05
N TYR B 97 5.94 -8.01 35.86
CA TYR B 97 4.95 -9.07 35.72
C TYR B 97 4.16 -8.92 34.43
N ASP B 98 3.66 -7.71 34.15
CA ASP B 98 2.88 -7.50 32.93
C ASP B 98 3.67 -7.87 31.69
N ARG B 99 5.00 -7.75 31.73
CA ARG B 99 5.82 -8.18 30.59
C ARG B 99 5.86 -9.70 30.49
N ALA B 100 6.14 -10.38 31.60
CA ALA B 100 6.12 -11.83 31.60
C ALA B 100 4.82 -12.36 31.01
N LEU B 101 3.69 -11.73 31.34
CA LEU B 101 2.41 -12.14 30.78
C LEU B 101 2.38 -11.90 29.28
N ALA B 102 2.72 -10.69 28.84
CA ALA B 102 2.76 -10.41 27.41
C ALA B 102 3.66 -11.40 26.68
N ARG B 103 4.88 -11.58 27.16
CA ARG B 103 5.83 -12.49 26.52
C ARG B 103 5.34 -13.94 26.59
N PHE B 104 4.68 -14.32 27.68
CA PHE B 104 4.17 -15.68 27.78
C PHE B 104 3.06 -15.91 26.77
N TRP B 105 2.12 -14.96 26.66
CA TRP B 105 1.01 -15.13 25.73
C TRP B 105 1.46 -15.00 24.29
N ALA B 106 2.39 -14.08 24.00
CA ALA B 106 2.99 -14.04 22.68
C ALA B 106 3.61 -15.39 22.34
N ALA B 107 4.36 -16.00 23.24
CA ALA B 107 4.95 -17.27 22.95
C ALA B 107 3.93 -18.29 22.54
N TYR B 108 2.85 -18.34 23.27
CA TYR B 108 1.80 -19.25 23.02
C TYR B 108 1.12 -18.89 21.74
N LEU B 109 0.95 -17.62 21.42
CA LEU B 109 0.24 -17.35 20.17
C LEU B 109 1.01 -17.93 19.00
N ASP B 110 2.35 -17.86 19.07
CA ASP B 110 3.19 -18.32 17.96
C ASP B 110 3.48 -19.80 18.03
N GLU B 111 3.76 -20.33 19.22
CA GLU B 111 4.22 -21.71 19.34
C GLU B 111 3.11 -22.73 19.16
N LYS B 112 1.86 -22.36 19.42
CA LYS B 112 0.80 -23.36 19.48
C LYS B 112 -0.49 -22.89 18.84
N TRP B 113 -0.89 -21.64 19.09
CA TRP B 113 -2.18 -21.18 18.60
C TRP B 113 -2.16 -21.01 17.08
N PHE B 114 -1.29 -20.14 16.57
CA PHE B 114 -1.26 -19.93 15.13
C PHE B 114 -0.89 -21.20 14.37
N PRO B 115 0.11 -21.97 14.78
CA PRO B 115 0.33 -23.27 14.11
C PRO B 115 -0.94 -24.10 14.04
N THR B 116 -1.80 -24.00 15.05
CA THR B 116 -3.06 -24.75 15.04
C THR B 116 -4.01 -24.21 13.98
N MET B 117 -4.41 -22.94 14.10
CA MET B 117 -5.21 -22.31 13.05
C MET B 117 -4.56 -22.49 11.69
N ARG B 118 -3.26 -22.43 11.63
CA ARG B 118 -2.67 -22.59 10.33
C ARG B 118 -2.78 -24.03 9.85
N ASN B 119 -2.64 -25.01 10.71
CA ASN B 119 -2.76 -26.40 10.30
C ASN B 119 -4.11 -26.87 9.76
N ILE B 120 -5.07 -25.96 9.58
CA ILE B 120 -6.39 -26.31 9.09
C ILE B 120 -6.39 -26.54 7.62
N ALA B 121 -5.48 -25.90 6.91
CA ALA B 121 -5.36 -26.08 5.47
C ALA B 121 -4.63 -27.38 5.21
N ALA B 122 -4.48 -28.19 6.25
CA ALA B 122 -3.81 -29.44 6.10
C ALA B 122 -4.86 -30.48 6.32
N ALA B 123 -5.74 -30.21 7.27
CA ALA B 123 -6.81 -31.10 7.68
C ALA B 123 -7.30 -32.09 6.64
N LYS B 124 -7.57 -33.30 7.07
CA LYS B 124 -8.04 -34.30 6.16
C LYS B 124 -9.50 -34.50 6.44
N ASP B 125 -9.82 -35.43 7.30
CA ASP B 125 -11.19 -35.70 7.64
C ASP B 125 -11.73 -34.46 8.31
N GLU B 126 -13.02 -34.45 8.57
CA GLU B 126 -13.62 -33.31 9.21
C GLU B 126 -13.60 -33.46 10.71
N GLU B 127 -13.07 -34.58 11.17
CA GLU B 127 -12.94 -34.85 12.59
C GLU B 127 -11.73 -34.08 12.98
N ALA B 128 -10.68 -34.27 12.20
CA ALA B 128 -9.42 -33.62 12.42
C ALA B 128 -9.59 -32.13 12.54
N ARG B 129 -10.03 -31.53 11.45
CA ARG B 129 -10.33 -30.15 11.32
C ARG B 129 -10.99 -29.65 12.57
N LYS B 130 -12.14 -30.23 12.84
CA LYS B 130 -12.95 -29.92 13.97
C LYS B 130 -12.11 -29.92 15.21
N ALA B 131 -11.25 -30.90 15.38
CA ALA B 131 -10.35 -30.90 16.52
C ALA B 131 -9.51 -29.63 16.55
N LEU B 132 -8.88 -29.31 15.41
CA LEU B 132 -8.14 -28.06 15.28
C LEU B 132 -9.00 -26.87 15.68
N ILE B 133 -10.12 -26.68 14.98
CA ILE B 133 -10.96 -25.50 15.19
C ILE B 133 -11.32 -25.35 16.67
N ASP B 134 -11.65 -26.47 17.33
CA ASP B 134 -11.92 -26.43 18.76
C ASP B 134 -10.80 -25.74 19.51
N GLN B 135 -9.59 -26.24 19.40
CA GLN B 135 -8.50 -25.62 20.10
C GLN B 135 -8.28 -24.18 19.69
N VAL B 136 -8.59 -23.88 18.45
CA VAL B 136 -8.42 -22.55 17.95
C VAL B 136 -9.39 -21.65 18.68
N GLY B 137 -10.51 -22.23 19.05
CA GLY B 137 -11.56 -21.56 19.77
C GLY B 137 -11.20 -21.61 21.21
N GLU B 138 -10.57 -22.71 21.60
CA GLU B 138 -10.16 -22.90 22.97
C GLU B 138 -9.13 -21.88 23.33
N GLY B 139 -8.16 -21.64 22.44
CA GLY B 139 -7.14 -20.64 22.62
C GLY B 139 -7.71 -19.25 22.62
N LEU B 140 -8.70 -19.01 21.77
CA LEU B 140 -9.35 -17.71 21.76
C LEU B 140 -9.99 -17.39 23.10
N VAL B 141 -10.74 -18.34 23.67
CA VAL B 141 -11.33 -18.12 24.98
C VAL B 141 -10.27 -17.78 26.01
N LEU B 142 -9.09 -18.40 25.89
CA LEU B 142 -8.02 -18.13 26.85
C LEU B 142 -7.55 -16.68 26.77
N LEU B 143 -7.35 -16.17 25.55
CA LEU B 143 -6.91 -14.80 25.40
C LEU B 143 -8.03 -13.78 25.60
N GLU B 144 -9.29 -14.22 25.64
CA GLU B 144 -10.34 -13.33 26.09
C GLU B 144 -10.23 -13.08 27.59
N ASP B 145 -9.80 -14.08 28.36
CA ASP B 145 -9.51 -13.87 29.77
C ASP B 145 -8.30 -12.97 29.96
N ALA B 146 -7.17 -13.36 29.36
CA ALA B 146 -5.97 -12.54 29.47
C ALA B 146 -6.22 -11.11 29.01
N PHE B 147 -7.00 -10.95 27.95
CA PHE B 147 -7.36 -9.60 27.51
C PHE B 147 -8.13 -8.87 28.59
N SER B 148 -9.27 -9.43 29.00
CA SER B 148 -10.06 -8.85 30.09
C SER B 148 -9.17 -8.41 31.24
N LYS B 149 -8.23 -9.27 31.64
CA LYS B 149 -7.31 -8.93 32.72
C LYS B 149 -6.39 -7.78 32.33
N CYS B 150 -5.77 -7.89 31.14
CA CYS B 150 -4.70 -6.96 30.76
C CYS B 150 -5.25 -5.60 30.39
N SER B 151 -6.35 -5.56 29.63
CA SER B 151 -6.85 -4.28 29.13
C SER B 151 -7.37 -3.39 30.25
N LYS B 152 -7.95 -3.98 31.31
CA LYS B 152 -8.52 -3.27 32.46
C LYS B 152 -9.52 -2.20 31.99
N GLY B 153 -10.59 -2.66 31.34
CA GLY B 153 -11.61 -1.76 30.85
C GLY B 153 -11.13 -0.80 29.78
N LYS B 154 -9.98 -1.06 29.18
CA LYS B 154 -9.40 -0.18 28.18
C LYS B 154 -9.19 -0.95 26.88
N GLY B 155 -8.96 -0.19 25.80
CA GLY B 155 -9.15 -0.71 24.46
C GLY B 155 -8.14 -1.75 24.00
N PHE B 156 -7.01 -1.90 24.69
CA PHE B 156 -5.95 -2.77 24.21
C PHE B 156 -5.35 -3.56 25.37
N PHE B 157 -4.74 -4.70 25.03
CA PHE B 157 -3.94 -5.44 26.01
C PHE B 157 -3.01 -4.51 26.76
N GLY B 158 -2.20 -3.75 26.02
CA GLY B 158 -1.28 -2.80 26.63
C GLY B 158 -1.95 -1.69 27.40
N GLY B 159 -3.29 -1.61 27.37
CA GLY B 159 -4.00 -0.55 28.06
C GLY B 159 -4.70 0.40 27.10
N ASP B 160 -4.67 1.70 27.43
CA ASP B 160 -5.26 2.69 26.55
C ASP B 160 -4.58 2.71 25.18
N GLN B 161 -3.28 2.46 25.16
CA GLN B 161 -2.42 2.42 23.99
C GLN B 161 -2.09 1.00 23.55
N ILE B 162 -1.70 0.88 22.29
CA ILE B 162 -1.40 -0.41 21.67
C ILE B 162 -0.04 -0.89 22.15
N GLY B 163 0.04 -2.15 22.57
CA GLY B 163 1.22 -2.68 23.21
C GLY B 163 1.79 -3.91 22.51
N TYR B 164 2.85 -4.44 23.13
CA TYR B 164 3.51 -5.65 22.66
C TYR B 164 2.52 -6.76 22.33
N LEU B 165 1.70 -7.14 23.31
CA LEU B 165 0.77 -8.25 23.10
C LEU B 165 -0.28 -7.92 22.04
N ASP B 166 -0.72 -6.66 21.96
CA ASP B 166 -1.61 -6.25 20.89
C ASP B 166 -1.00 -6.57 19.53
N ILE B 167 0.26 -6.18 19.33
CA ILE B 167 0.95 -6.46 18.08
C ILE B 167 1.04 -7.97 17.86
N ALA B 168 1.66 -8.67 18.81
CA ALA B 168 1.93 -10.10 18.64
C ALA B 168 0.70 -10.86 18.17
N PHE B 169 -0.47 -10.51 18.70
CA PHE B 169 -1.71 -11.25 18.45
C PHE B 169 -2.56 -10.61 17.36
N GLY B 170 -2.60 -9.28 17.28
CA GLY B 170 -3.36 -8.64 16.22
C GLY B 170 -2.82 -8.92 14.84
N SER B 171 -1.52 -9.20 14.73
CA SER B 171 -0.93 -9.51 13.43
C SER B 171 -1.58 -10.71 12.78
N PHE B 172 -2.27 -11.54 13.55
CA PHE B 172 -2.89 -12.76 13.05
C PHE B 172 -4.33 -12.55 12.60
N LEU B 173 -4.90 -11.37 12.79
CA LEU B 173 -6.31 -11.17 12.49
C LEU B 173 -6.62 -11.40 11.01
N GLY B 174 -5.88 -10.72 10.13
CA GLY B 174 -6.08 -10.87 8.71
C GLY B 174 -6.17 -12.31 8.27
N TRP B 175 -5.42 -13.19 8.93
CA TRP B 175 -5.41 -14.62 8.62
C TRP B 175 -6.55 -15.35 9.33
N LEU B 176 -6.71 -15.10 10.63
CA LEU B 176 -7.90 -15.56 11.34
C LEU B 176 -9.17 -15.28 10.55
N ARG B 177 -9.30 -14.05 10.07
CA ARG B 177 -10.48 -13.67 9.27
C ARG B 177 -10.52 -14.44 7.97
N ALA B 178 -9.35 -14.61 7.32
CA ALA B 178 -9.32 -15.33 6.06
C ALA B 178 -9.59 -16.82 6.26
N ILE B 179 -8.99 -17.42 7.29
CA ILE B 179 -9.24 -18.83 7.57
C ILE B 179 -10.69 -19.04 7.97
N GLU B 180 -11.27 -18.09 8.70
CA GLU B 180 -12.68 -18.14 9.06
C GLU B 180 -13.53 -18.24 7.79
N LYS B 181 -13.50 -17.18 6.98
CA LYS B 181 -14.25 -17.19 5.72
C LYS B 181 -13.88 -18.39 4.86
N MET B 182 -12.58 -18.69 4.75
CA MET B 182 -12.14 -19.82 3.95
C MET B 182 -12.60 -21.16 4.51
N ASN B 183 -13.23 -21.15 5.68
CA ASN B 183 -13.70 -22.36 6.29
C ASN B 183 -15.18 -22.31 6.67
N GLY B 184 -15.87 -21.22 6.36
CA GLY B 184 -17.27 -21.10 6.71
C GLY B 184 -17.51 -21.26 8.19
N VAL B 185 -16.81 -20.46 9.00
CA VAL B 185 -16.92 -20.52 10.45
C VAL B 185 -16.59 -19.15 11.02
N LYS B 186 -17.22 -18.82 12.14
CA LYS B 186 -16.92 -17.61 12.90
C LYS B 186 -16.29 -18.02 14.23
N LEU B 187 -15.03 -17.61 14.42
CA LEU B 187 -14.26 -17.99 15.60
C LEU B 187 -14.53 -17.05 16.77
N MET B 188 -14.50 -15.77 16.56
CA MET B 188 -14.80 -14.85 17.62
C MET B 188 -16.33 -14.66 17.72
N ASP B 189 -16.86 -14.57 18.92
CA ASP B 189 -18.29 -14.39 19.20
C ASP B 189 -18.58 -13.40 20.34
N GLU B 190 -19.68 -12.66 20.19
CA GLU B 190 -20.16 -11.72 21.19
C GLU B 190 -20.29 -12.46 22.47
N THR B 191 -20.68 -13.71 22.37
CA THR B 191 -20.85 -14.53 23.56
C THR B 191 -19.55 -15.19 24.03
N ARG B 192 -18.81 -15.81 23.16
CA ARG B 192 -17.57 -16.47 23.55
C ARG B 192 -16.37 -15.52 23.79
N THR B 193 -16.32 -14.40 23.10
CA THR B 193 -15.22 -13.47 23.24
C THR B 193 -15.75 -12.09 22.95
N PRO B 194 -16.52 -11.53 23.87
CA PRO B 194 -17.09 -10.25 23.50
C PRO B 194 -16.08 -9.15 23.40
N GLY B 195 -15.02 -9.27 24.18
CA GLY B 195 -13.97 -8.30 24.23
C GLY B 195 -13.04 -8.30 23.04
N LEU B 196 -12.57 -9.46 22.70
CA LEU B 196 -11.71 -9.59 21.53
C LEU B 196 -12.42 -9.14 20.26
N LEU B 197 -13.72 -9.43 20.15
CA LEU B 197 -14.47 -8.97 19.00
C LEU B 197 -14.45 -7.44 18.90
N LYS B 198 -14.45 -6.76 20.06
CA LYS B 198 -14.20 -5.33 20.10
C LYS B 198 -12.75 -5.03 19.73
N TRP B 199 -11.82 -5.54 20.55
CA TRP B 199 -10.40 -5.20 20.39
C TRP B 199 -9.92 -5.43 18.96
N ALA B 200 -10.52 -6.38 18.25
CA ALA B 200 -10.10 -6.74 16.91
C ALA B 200 -10.57 -5.74 15.85
N ASN B 201 -11.52 -4.87 16.17
CA ASN B 201 -11.85 -3.75 15.30
C ASN B 201 -11.16 -2.47 15.73
N SER B 202 -10.57 -2.46 16.93
CA SER B 202 -9.72 -1.36 17.37
C SER B 202 -8.28 -1.52 16.92
N PHE B 203 -7.91 -2.73 16.47
CA PHE B 203 -6.58 -3.04 15.98
C PHE B 203 -6.45 -2.74 14.49
N SER B 204 -7.24 -3.45 13.67
CA SER B 204 -7.22 -3.26 12.22
C SER B 204 -7.47 -1.82 11.80
N SER B 205 -7.94 -0.96 12.72
CA SER B 205 -8.19 0.44 12.42
C SER B 205 -7.25 1.39 13.14
N HIS B 206 -6.41 0.89 14.04
CA HIS B 206 -5.45 1.74 14.72
C HIS B 206 -4.59 2.46 13.68
N PRO B 207 -4.28 3.74 13.88
CA PRO B 207 -3.47 4.46 12.89
C PRO B 207 -2.15 3.78 12.58
N ALA B 208 -1.57 3.07 13.54
CA ALA B 208 -0.28 2.41 13.37
C ALA B 208 -0.40 1.03 12.75
N VAL B 209 -1.60 0.61 12.35
CA VAL B 209 -1.82 -0.75 11.88
C VAL B 209 -2.51 -0.74 10.53
N LYS B 210 -3.45 0.20 10.33
CA LYS B 210 -4.37 0.03 9.20
C LYS B 210 -3.62 -0.05 7.87
N ASP B 211 -2.63 0.83 7.67
CA ASP B 211 -1.94 0.86 6.39
C ASP B 211 -1.15 -0.40 6.14
N VAL B 212 -0.74 -1.12 7.20
CA VAL B 212 0.02 -2.36 7.05
C VAL B 212 -0.84 -3.59 7.25
N PHE B 213 -2.12 -3.43 7.55
CA PHE B 213 -3.02 -4.55 7.74
C PHE B 213 -3.59 -4.99 6.40
N PRO B 214 -3.46 -6.25 6.03
CA PRO B 214 -3.92 -6.68 4.70
C PRO B 214 -5.43 -6.83 4.64
N GLU B 215 -5.98 -6.50 3.49
CA GLU B 215 -7.36 -6.87 3.21
C GLU B 215 -7.53 -8.37 3.44
N THR B 216 -8.73 -8.77 3.80
CA THR B 216 -8.96 -10.16 4.16
C THR B 216 -9.27 -11.04 2.96
N GLU B 217 -9.84 -10.47 1.93
CA GLU B 217 -10.13 -11.22 0.73
C GLU B 217 -8.85 -11.54 0.03
N LYS B 218 -7.98 -10.56 -0.05
CA LYS B 218 -6.68 -10.75 -0.68
C LYS B 218 -5.95 -11.91 -0.03
N LEU B 219 -6.02 -12.08 1.29
CA LEU B 219 -5.35 -13.23 1.90
C LEU B 219 -6.00 -14.51 1.44
N VAL B 220 -7.22 -14.44 0.94
CA VAL B 220 -7.89 -15.61 0.42
C VAL B 220 -7.27 -15.91 -0.94
N GLU B 221 -6.95 -14.87 -1.67
CA GLU B 221 -6.33 -15.05 -2.95
C GLU B 221 -5.00 -15.68 -2.71
N PHE B 222 -4.17 -15.02 -1.94
CA PHE B 222 -2.85 -15.56 -1.63
C PHE B 222 -2.98 -16.97 -1.14
N ALA B 223 -3.91 -17.17 -0.23
CA ALA B 223 -4.17 -18.47 0.36
C ALA B 223 -4.31 -19.60 -0.63
N LYS B 224 -5.15 -19.40 -1.61
CA LYS B 224 -5.39 -20.39 -2.61
C LYS B 224 -4.17 -20.57 -3.51
N VAL B 225 -3.32 -19.56 -3.58
CA VAL B 225 -2.17 -19.65 -4.41
C VAL B 225 -1.20 -20.61 -3.77
N LEU B 226 -1.17 -20.67 -2.45
CA LEU B 226 -0.29 -21.61 -1.80
C LEU B 226 -0.73 -23.03 -2.12
N ALA B 227 -1.52 -23.21 -3.17
CA ALA B 227 -1.95 -24.51 -3.60
C ALA B 227 -0.90 -25.05 -4.55
N LYS B 228 -0.29 -26.14 -4.11
CA LYS B 228 0.77 -26.90 -4.74
C LYS B 228 1.73 -27.18 -3.59
N1 GSH C . -0.17 18.87 -20.81
CA1 GSH C . 0.97 18.34 -21.46
C1 GSH C . 0.44 17.02 -21.72
O11 GSH C . 1.08 16.25 -22.39
O12 GSH C . -0.62 16.78 -21.20
CB1 GSH C . 2.22 18.30 -20.60
CG1 GSH C . 2.20 19.37 -19.55
CD1 GSH C . 3.56 19.89 -19.11
OE1 GSH C . 3.60 20.99 -18.65
N2 GSH C . 4.62 19.08 -19.19
CA2 GSH C . 5.88 19.48 -18.59
C2 GSH C . 6.90 19.93 -19.61
O2 GSH C . 6.89 19.54 -20.74
CB2 GSH C . 6.34 18.38 -17.63
SG2 GSH C . 5.63 18.56 -15.99
N3 GSH C . 7.75 20.88 -19.21
CA3 GSH C . 8.61 21.68 -20.07
C3 GSH C . 9.85 21.05 -20.66
O31 GSH C . 9.90 20.69 -21.84
O32 GSH C . 10.84 20.98 -19.93
HN11 GSH C . -0.36 18.62 -19.86
HN12 GSH C . -0.77 19.50 -21.31
HA1 GSH C . 1.17 18.86 -22.39
HB12 GSH C . 3.10 18.42 -21.22
HB13 GSH C . 2.29 17.32 -20.10
HG12 GSH C . 1.62 20.22 -19.93
HG13 GSH C . 1.67 18.99 -18.68
HN2 GSH C . 4.54 18.17 -19.58
HA2 GSH C . 5.68 20.35 -17.96
HB22 GSH C . 7.42 18.39 -17.56
HB23 GSH C . 6.04 17.41 -18.02
HSG GSH C . 6.70 18.14 -15.35
HN3 GSH C . 7.72 21.15 -18.25
HA31 GSH C . 8.92 22.55 -19.49
HA32 GSH C . 8.00 22.07 -20.90
N1 GSH D . 9.01 -17.38 13.15
CA1 GSH D . 9.39 -16.36 12.24
C1 GSH D . 9.25 -15.07 12.94
O11 GSH D . 10.05 -14.21 12.70
O12 GSH D . 8.35 -14.89 13.74
CB1 GSH D . 8.60 -16.41 10.96
CG1 GSH D . 7.95 -17.75 10.66
CD1 GSH D . 7.83 -18.24 9.22
OE1 GSH D . 7.77 -19.43 9.08
N2 GSH D . 7.77 -17.35 8.21
CA2 GSH D . 7.66 -17.80 6.80
C2 GSH D . 8.65 -17.24 5.80
O2 GSH D . 9.45 -16.37 6.06
CB2 GSH D . 6.27 -17.57 6.24
SG2 GSH D . 5.46 -16.17 6.96
N3 GSH D . 8.59 -17.79 4.60
CA3 GSH D . 9.51 -17.43 3.55
C3 GSH D . 9.35 -18.23 2.27
O31 GSH D . 9.84 -17.74 1.22
O32 GSH D . 8.79 -19.35 2.34
HN11 GSH D . 9.66 -17.71 13.85
HN12 GSH D . 8.09 -17.79 13.09
HA1 GSH D . 10.45 -16.49 11.98
HB12 GSH D . 7.83 -15.64 11.02
HB13 GSH D . 9.27 -16.14 10.14
HG12 GSH D . 8.52 -18.51 11.19
HG13 GSH D . 6.96 -17.75 11.10
HN2 GSH D . 7.81 -16.37 8.39
HA2 GSH D . 7.80 -18.88 6.81
HB22 GSH D . 5.65 -18.45 6.42
HB23 GSH D . 6.31 -17.44 5.16
HSG GSH D . 4.35 -16.80 7.32
HN3 GSH D . 7.92 -18.51 4.40
HA31 GSH D . 9.39 -16.37 3.32
HA32 GSH D . 10.53 -17.55 3.93
#